data_4PU5
#
_entry.id   4PU5
#
_cell.length_a   60.700
_cell.length_b   75.830
_cell.length_c   110.320
_cell.angle_alpha   90.00
_cell.angle_beta   90.00
_cell.angle_gamma   90.00
#
_symmetry.space_group_name_H-M   'P 21 21 21'
#
loop_
_entity.id
_entity.type
_entity.pdbx_description
1 polymer 'Toxin-antitoxin system toxin HipA family'
2 non-polymer 'MAGNESIUM ION'
3 non-polymer 'PHOSPHOAMINOPHOSPHONIC ACID-ADENYLATE ESTER'
4 non-polymer 'SODIUM ION'
5 water water
#
_entity_poly.entity_id   1
_entity_poly.type   'polypeptide(L)'
_entity_poly.pdbx_seq_one_letter_code
;MGSSHHHHHHSSGLVPRGSHMSTAKTLTLEMHLGDLMIGELSFDATADTFAVHYTKDWQQSGFPLSPTIPLDGTGTSNQI
SMFLVNLLPENKGLDYLIESLGVSKGNTFALIRAIGLDTAGAIAFVPKGALLPETQLRPIKAEEVIQRIEDPTMWPMEIW
DGKPRLSVAGVQPKLNLFYNGKEFAFAEGTLSSTHIVKFEKYHHLVINEFITMRLAKVLGMNVANVDIVHFGRYKALCVE
RFDRRNIPGEQRVLRRHIVDSCQALGFSVSKKYERNFGTGRDVKDIREGVSFNRLFSLAAKCRNPVAAKQDMLQWALFNL
LTGNADAHGKNYSFFMTPSGMEPTPWYDLVSVDMYEDFEQQLAMAIDDEFDPNSIYAYQLAAFMDGLGLPRNLLISNLTR
IARRIPQAIAEVILMLPPLDEDEASFVAHYKTQLLARCERYLGFVDEVRDVEV
;
_entity_poly.pdbx_strand_id   A
#
loop_
_chem_comp.id
_chem_comp.type
_chem_comp.name
_chem_comp.formula
ANP non-polymer 'PHOSPHOAMINOPHOSPHONIC ACID-ADENYLATE ESTER' 'C10 H17 N6 O12 P3'
MG non-polymer 'MAGNESIUM ION' 'Mg 2'
NA non-polymer 'SODIUM ION' 'Na 1'
#
# COMPACT_ATOMS: atom_id res chain seq x y z
N PRO A 16 28.47 -4.63 28.98
CA PRO A 16 27.64 -5.77 29.36
C PRO A 16 28.39 -6.78 30.21
N ARG A 17 27.67 -7.47 31.09
CA ARG A 17 28.27 -8.42 32.01
C ARG A 17 28.32 -9.84 31.42
N GLY A 18 27.54 -10.07 30.37
CA GLY A 18 27.50 -11.37 29.70
C GLY A 18 28.42 -11.44 28.50
N SER A 19 27.96 -12.10 27.45
CA SER A 19 28.75 -12.28 26.24
C SER A 19 29.12 -10.97 25.58
N HIS A 20 30.36 -10.87 25.10
CA HIS A 20 30.82 -9.70 24.36
C HIS A 20 31.02 -10.01 22.88
N MET A 21 30.60 -11.20 22.46
CA MET A 21 30.60 -11.54 21.05
C MET A 21 29.63 -10.60 20.34
N SER A 22 30.10 -9.98 19.26
CA SER A 22 29.28 -9.09 18.43
C SER A 22 27.91 -9.69 18.12
N THR A 23 27.90 -10.99 17.88
CA THR A 23 26.69 -11.68 17.44
C THR A 23 25.61 -11.72 18.51
N ALA A 24 25.99 -11.46 19.76
CA ALA A 24 25.03 -11.42 20.85
C ALA A 24 24.07 -10.26 20.62
N LYS A 25 24.54 -9.25 19.88
CA LYS A 25 23.75 -8.08 19.57
C LYS A 25 23.26 -8.07 18.11
N THR A 26 24.13 -8.47 17.18
CA THR A 26 23.88 -8.23 15.77
C THR A 26 22.90 -9.21 15.10
N LEU A 27 22.64 -10.34 15.74
CA LEU A 27 21.70 -11.33 15.18
C LEU A 27 20.32 -11.22 15.77
N THR A 28 20.07 -10.14 16.50
CA THR A 28 18.76 -9.91 17.09
C THR A 28 18.35 -8.47 16.84
N LEU A 29 17.17 -8.33 16.25
CA LEU A 29 16.52 -7.04 16.12
C LEU A 29 15.34 -7.05 17.07
N GLU A 30 15.37 -6.14 18.04
CA GLU A 30 14.27 -6.01 19.00
C GLU A 30 13.09 -5.40 18.27
N MET A 31 11.89 -5.82 18.65
CA MET A 31 10.67 -5.27 18.08
C MET A 31 10.03 -4.30 19.06
N HIS A 32 9.94 -3.04 18.64
CA HIS A 32 9.37 -1.99 19.48
C HIS A 32 8.12 -1.41 18.88
N LEU A 33 7.14 -1.18 19.74
CA LEU A 33 5.94 -0.46 19.39
C LEU A 33 5.94 0.80 20.25
N GLY A 34 6.33 1.92 19.65
CA GLY A 34 6.57 3.13 20.42
C GLY A 34 7.72 2.86 21.38
N ASP A 35 7.49 3.12 22.66
CA ASP A 35 8.53 2.94 23.67
C ASP A 35 8.44 1.57 24.35
N LEU A 36 7.70 0.64 23.76
CA LEU A 36 7.45 -0.67 24.34
C LEU A 36 8.13 -1.76 23.53
N MET A 37 8.95 -2.57 24.19
CA MET A 37 9.55 -3.73 23.53
C MET A 37 8.56 -4.88 23.60
N ILE A 38 8.18 -5.40 22.44
CA ILE A 38 7.15 -6.43 22.39
C ILE A 38 7.68 -7.80 21.96
N GLY A 39 8.96 -7.86 21.61
CA GLY A 39 9.55 -9.11 21.22
C GLY A 39 10.85 -8.97 20.45
N GLU A 40 11.26 -10.07 19.84
CA GLU A 40 12.54 -10.13 19.15
C GLU A 40 12.42 -10.85 17.82
N LEU A 41 13.00 -10.25 16.79
CA LEU A 41 13.22 -10.92 15.53
C LEU A 41 14.66 -11.39 15.52
N SER A 42 14.86 -12.70 15.52
CA SER A 42 16.19 -13.27 15.55
C SER A 42 16.50 -14.02 14.27
N PHE A 43 17.78 -14.03 13.92
CA PHE A 43 18.25 -14.71 12.74
C PHE A 43 19.34 -15.69 13.13
N ASP A 44 19.10 -16.96 12.82
CA ASP A 44 20.08 -17.99 13.08
C ASP A 44 21.04 -18.06 11.89
N ALA A 45 22.29 -17.68 12.13
CA ALA A 45 23.32 -17.75 11.11
C ALA A 45 23.46 -19.15 10.51
N THR A 46 23.54 -20.18 11.36
CA THR A 46 23.80 -21.54 10.89
C THR A 46 22.69 -22.07 9.98
N ALA A 47 21.44 -21.91 10.40
CA ALA A 47 20.30 -22.46 9.68
C ALA A 47 19.84 -21.56 8.54
N ASP A 48 20.29 -20.31 8.54
CA ASP A 48 19.85 -19.31 7.57
C ASP A 48 18.35 -19.09 7.71
N THR A 49 17.91 -18.92 8.96
CA THR A 49 16.48 -18.78 9.24
C THR A 49 16.15 -17.62 10.16
N PHE A 50 14.91 -17.17 10.06
CA PHE A 50 14.37 -16.13 10.93
C PHE A 50 13.53 -16.78 12.03
N ALA A 51 13.38 -16.08 13.15
CA ALA A 51 12.39 -16.46 14.15
C ALA A 51 11.83 -15.22 14.83
N VAL A 52 10.57 -15.30 15.25
CA VAL A 52 9.93 -14.18 15.94
C VAL A 52 9.22 -14.64 17.20
N HIS A 53 9.70 -14.13 18.32
CA HIS A 53 9.10 -14.39 19.62
C HIS A 53 8.69 -13.09 20.27
N TYR A 54 7.59 -13.15 21.01
CA TYR A 54 7.02 -11.97 21.65
C TYR A 54 7.10 -12.12 23.17
N THR A 55 7.03 -10.99 23.87
CA THR A 55 7.00 -10.99 25.33
C THR A 55 5.66 -11.54 25.82
N LYS A 56 5.65 -12.00 27.06
CA LYS A 56 4.45 -12.62 27.64
C LYS A 56 3.32 -11.62 27.76
N ASP A 57 3.65 -10.39 28.14
CA ASP A 57 2.64 -9.34 28.24
C ASP A 57 2.00 -9.12 26.87
N TRP A 58 2.83 -9.08 25.83
CA TRP A 58 2.33 -8.83 24.49
C TRP A 58 1.48 -9.99 23.96
N GLN A 59 1.86 -11.21 24.29
CA GLN A 59 1.07 -12.39 23.92
C GLN A 59 -0.36 -12.32 24.46
N GLN A 60 -0.50 -11.77 25.66
CA GLN A 60 -1.81 -11.71 26.31
C GLN A 60 -2.61 -10.50 25.85
N SER A 61 -1.92 -9.45 25.43
CA SER A 61 -2.52 -8.14 25.25
C SER A 61 -2.52 -7.62 23.80
N GLY A 62 -1.59 -8.09 22.99
CA GLY A 62 -1.34 -7.49 21.70
C GLY A 62 -1.82 -8.27 20.50
N PHE A 63 -1.10 -8.10 19.39
CA PHE A 63 -1.42 -8.74 18.13
C PHE A 63 -0.10 -9.13 17.47
N PRO A 64 -0.14 -10.13 16.57
CA PRO A 64 1.07 -10.57 15.88
C PRO A 64 1.45 -9.63 14.73
N LEU A 65 2.69 -9.73 14.25
CA LEU A 65 3.14 -8.93 13.10
C LEU A 65 2.23 -9.15 11.91
N SER A 66 1.83 -10.40 11.74
CA SER A 66 0.89 -10.77 10.71
C SER A 66 0.17 -12.01 11.20
N PRO A 67 -0.94 -12.37 10.54
CA PRO A 67 -1.68 -13.57 10.93
C PRO A 67 -0.83 -14.84 10.91
N THR A 68 0.27 -14.84 10.16
CA THR A 68 1.10 -16.05 10.03
C THR A 68 2.39 -16.02 10.85
N ILE A 69 2.53 -15.04 11.73
CA ILE A 69 3.65 -14.97 12.65
C ILE A 69 3.08 -14.91 14.06
N PRO A 70 2.46 -16.01 14.51
CA PRO A 70 1.61 -15.96 15.70
C PRO A 70 2.34 -15.68 16.99
N LEU A 71 1.56 -15.24 17.98
CA LEU A 71 2.08 -14.81 19.26
C LEU A 71 2.75 -15.93 20.05
N ASP A 72 2.43 -17.17 19.72
CA ASP A 72 3.03 -18.31 20.42
C ASP A 72 4.47 -18.55 19.96
N GLY A 73 4.89 -17.83 18.92
CA GLY A 73 6.27 -17.84 18.50
C GLY A 73 6.64 -18.92 17.50
N THR A 74 5.63 -19.65 17.02
CA THR A 74 5.87 -20.78 16.12
C THR A 74 5.94 -20.39 14.65
N GLY A 75 5.95 -19.09 14.36
CA GLY A 75 6.01 -18.62 12.99
C GLY A 75 7.20 -19.18 12.25
N THR A 76 6.96 -19.71 11.05
CA THR A 76 8.01 -20.33 10.25
C THR A 76 8.95 -19.29 9.68
N SER A 77 10.18 -19.71 9.42
CA SER A 77 11.20 -18.84 8.85
C SER A 77 10.70 -18.26 7.54
N ASN A 78 10.07 -19.11 6.73
CA ASN A 78 9.64 -18.70 5.39
C ASN A 78 8.53 -17.66 5.43
N GLN A 79 7.58 -17.82 6.35
CA GLN A 79 6.51 -16.85 6.52
C GLN A 79 7.06 -15.52 7.02
N ILE A 80 8.00 -15.57 7.96
CA ILE A 80 8.64 -14.37 8.45
C ILE A 80 9.39 -13.70 7.30
N SER A 81 10.13 -14.49 6.54
CA SER A 81 10.94 -13.95 5.46
C SER A 81 10.07 -13.22 4.45
N MET A 82 9.00 -13.85 4.01
CA MET A 82 8.13 -13.25 3.00
C MET A 82 7.44 -12.00 3.56
N PHE A 83 7.10 -12.02 4.85
CA PHE A 83 6.48 -10.85 5.47
C PHE A 83 7.43 -9.66 5.39
N LEU A 84 8.69 -9.91 5.72
CA LEU A 84 9.70 -8.86 5.75
C LEU A 84 10.02 -8.34 4.35
N VAL A 85 10.13 -9.25 3.39
CA VAL A 85 10.37 -8.86 2.00
C VAL A 85 9.25 -7.94 1.52
N ASN A 86 8.02 -8.22 1.97
CA ASN A 86 6.87 -7.38 1.59
C ASN A 86 6.94 -5.96 2.16
N LEU A 87 7.85 -5.73 3.11
CA LEU A 87 8.05 -4.39 3.67
C LEU A 87 9.05 -3.58 2.86
N LEU A 88 9.80 -4.26 2.00
CA LEU A 88 10.93 -3.63 1.32
C LEU A 88 10.48 -2.81 0.12
N PRO A 89 11.33 -1.86 -0.28
CA PRO A 89 11.07 -1.14 -1.53
C PRO A 89 11.00 -2.09 -2.72
N GLU A 90 10.21 -1.72 -3.72
CA GLU A 90 10.04 -2.53 -4.93
C GLU A 90 10.60 -1.80 -6.14
N ASN A 91 11.17 -0.62 -5.91
CA ASN A 91 11.72 0.17 -6.99
C ASN A 91 13.24 0.27 -6.88
N LYS A 92 13.82 1.20 -7.64
CA LYS A 92 15.26 1.41 -7.65
C LYS A 92 15.83 1.62 -6.26
N GLY A 93 14.99 2.08 -5.33
CA GLY A 93 15.37 2.27 -3.95
C GLY A 93 15.94 1.01 -3.32
N LEU A 94 15.46 -0.15 -3.74
CA LEU A 94 15.95 -1.42 -3.19
C LEU A 94 17.40 -1.65 -3.59
N ASP A 95 17.70 -1.40 -4.85
CA ASP A 95 19.05 -1.62 -5.36
C ASP A 95 20.05 -0.66 -4.74
N TYR A 96 19.65 0.59 -4.54
CA TYR A 96 20.52 1.57 -3.90
C TYR A 96 20.80 1.17 -2.45
N LEU A 97 19.80 0.61 -1.79
CA LEU A 97 19.94 0.17 -0.41
C LEU A 97 20.93 -0.98 -0.30
N ILE A 98 20.73 -2.00 -1.14
CA ILE A 98 21.61 -3.16 -1.18
C ILE A 98 23.06 -2.72 -1.42
N GLU A 99 23.24 -1.88 -2.41
CA GLU A 99 24.55 -1.33 -2.75
C GLU A 99 25.19 -0.59 -1.57
N SER A 100 24.40 0.21 -0.87
CA SER A 100 24.93 1.03 0.22
C SER A 100 25.44 0.18 1.38
N LEU A 101 24.81 -0.98 1.58
CA LEU A 101 25.16 -1.85 2.71
C LEU A 101 26.25 -2.85 2.34
N GLY A 102 26.39 -3.13 1.05
CA GLY A 102 27.38 -4.08 0.59
C GLY A 102 26.98 -5.52 0.86
N VAL A 103 25.66 -5.77 0.91
CA VAL A 103 25.14 -7.09 1.25
C VAL A 103 24.63 -7.81 0.01
N SER A 104 24.37 -9.10 0.16
CA SER A 104 23.75 -9.89 -0.90
C SER A 104 22.26 -9.59 -1.02
N LYS A 105 21.74 -9.74 -2.23
CA LYS A 105 20.33 -9.47 -2.55
C LYS A 105 19.36 -10.12 -1.57
N GLY A 106 19.67 -11.35 -1.19
CA GLY A 106 18.77 -12.16 -0.38
C GLY A 106 18.96 -11.98 1.12
N ASN A 107 19.87 -11.09 1.49
CA ASN A 107 20.07 -10.77 2.91
C ASN A 107 18.96 -9.86 3.40
N THR A 108 17.79 -10.43 3.62
CA THR A 108 16.63 -9.67 4.08
C THR A 108 16.87 -9.09 5.47
N PHE A 109 17.62 -9.82 6.29
CA PHE A 109 17.87 -9.41 7.66
C PHE A 109 18.58 -8.06 7.72
N ALA A 110 19.60 -7.89 6.88
CA ALA A 110 20.38 -6.66 6.86
C ALA A 110 19.58 -5.50 6.29
N LEU A 111 18.68 -5.81 5.36
CA LEU A 111 17.86 -4.78 4.75
C LEU A 111 16.84 -4.26 5.74
N ILE A 112 16.27 -5.17 6.52
CA ILE A 112 15.31 -4.79 7.54
C ILE A 112 16.00 -4.02 8.64
N ARG A 113 17.24 -4.39 8.95
CA ARG A 113 18.01 -3.66 9.93
C ARG A 113 18.17 -2.23 9.45
N ALA A 114 18.44 -2.08 8.16
CA ALA A 114 18.68 -0.77 7.57
C ALA A 114 17.43 0.14 7.59
N ILE A 115 16.27 -0.42 7.25
CA ILE A 115 15.04 0.38 7.17
C ILE A 115 14.20 0.26 8.44
N GLY A 116 14.73 -0.43 9.43
CA GLY A 116 13.93 -0.95 10.54
C GLY A 116 13.27 0.08 11.44
N LEU A 117 13.82 1.28 11.50
CA LEU A 117 13.24 2.32 12.35
C LEU A 117 11.95 2.91 11.79
N ASP A 118 11.68 2.70 10.51
CA ASP A 118 10.48 3.24 9.88
C ASP A 118 10.01 2.35 8.74
N THR A 119 9.27 1.30 9.09
CA THR A 119 8.65 0.41 8.11
C THR A 119 7.15 0.61 8.12
N ALA A 120 6.47 0.06 7.12
CA ALA A 120 5.02 0.10 7.07
C ALA A 120 4.50 -0.55 8.34
N GLY A 121 3.52 0.10 8.97
CA GLY A 121 2.93 -0.40 10.19
C GLY A 121 3.57 0.28 11.39
N ALA A 122 3.67 -0.42 12.51
CA ALA A 122 3.95 0.21 13.80
C ALA A 122 5.19 -0.35 14.48
N ILE A 123 5.73 -1.44 13.94
CA ILE A 123 6.85 -2.10 14.59
C ILE A 123 8.17 -1.55 14.09
N ALA A 124 9.01 -1.12 15.02
CA ALA A 124 10.36 -0.71 14.71
C ALA A 124 11.30 -1.86 15.04
N PHE A 125 12.14 -2.20 14.09
CA PHE A 125 13.11 -3.27 14.25
C PHE A 125 14.44 -2.64 14.63
N VAL A 126 14.86 -2.87 15.88
CA VAL A 126 15.95 -2.11 16.48
C VAL A 126 17.08 -3.04 16.89
N PRO A 127 18.32 -2.74 16.47
CA PRO A 127 19.46 -3.57 16.88
C PRO A 127 19.60 -3.65 18.40
N LYS A 128 19.75 -4.86 18.91
CA LYS A 128 19.93 -5.09 20.33
C LYS A 128 21.13 -4.36 20.89
N GLY A 129 20.94 -3.74 22.06
CA GLY A 129 22.03 -3.11 22.79
C GLY A 129 22.85 -2.11 22.01
N ALA A 130 22.23 -1.47 21.01
CA ALA A 130 22.90 -0.44 20.23
C ALA A 130 22.24 0.91 20.48
N LEU A 131 23.03 1.97 20.38
CA LEU A 131 22.51 3.32 20.56
C LEU A 131 21.77 3.73 19.32
N LEU A 132 20.53 4.20 19.49
CA LEU A 132 19.75 4.69 18.37
C LEU A 132 20.45 5.85 17.71
N PRO A 133 20.22 6.03 16.40
CA PRO A 133 20.62 7.28 15.77
C PRO A 133 19.88 8.43 16.44
N GLU A 134 20.48 9.61 16.45
CA GLU A 134 19.88 10.78 17.09
C GLU A 134 18.49 11.06 16.53
N THR A 135 17.54 11.27 17.43
CA THR A 135 16.18 11.62 17.03
C THR A 135 16.10 13.09 16.61
N GLN A 136 15.80 13.30 15.33
CA GLN A 136 15.77 14.63 14.76
C GLN A 136 15.13 14.63 13.37
N LEU A 137 15.02 15.82 12.78
CA LEU A 137 14.58 15.98 11.41
C LEU A 137 15.72 16.42 10.49
N ARG A 138 15.58 16.04 9.23
CA ARG A 138 16.50 16.49 8.17
C ARG A 138 15.67 17.28 7.18
N PRO A 139 15.55 18.60 7.39
CA PRO A 139 14.72 19.40 6.49
C PRO A 139 15.16 19.35 5.05
N ILE A 140 14.17 19.46 4.16
CA ILE A 140 14.39 19.39 2.73
C ILE A 140 13.95 20.69 2.08
N LYS A 141 14.77 21.20 1.16
CA LYS A 141 14.38 22.35 0.33
C LYS A 141 13.82 21.87 -0.99
N ALA A 142 12.87 22.63 -1.53
CA ALA A 142 12.25 22.27 -2.80
C ALA A 142 13.30 22.06 -3.88
N GLU A 143 14.33 22.90 -3.87
CA GLU A 143 15.39 22.82 -4.88
C GLU A 143 16.10 21.47 -4.85
N GLU A 144 16.13 20.83 -3.68
CA GLU A 144 16.80 19.54 -3.55
C GLU A 144 15.99 18.44 -4.20
N VAL A 145 14.68 18.60 -4.18
CA VAL A 145 13.79 17.65 -4.81
C VAL A 145 13.85 17.86 -6.32
N ILE A 146 13.90 19.12 -6.73
CA ILE A 146 13.92 19.48 -8.13
C ILE A 146 15.10 18.89 -8.88
N GLN A 147 16.30 18.94 -8.30
CA GLN A 147 17.48 18.42 -8.98
C GLN A 147 17.36 16.90 -9.16
N ARG A 148 16.57 16.26 -8.30
CA ARG A 148 16.37 14.83 -8.37
C ARG A 148 15.34 14.46 -9.43
N ILE A 149 14.32 15.29 -9.55
CA ILE A 149 13.34 15.13 -10.62
C ILE A 149 14.01 15.30 -11.98
N GLU A 150 14.89 16.30 -12.09
CA GLU A 150 15.46 16.67 -13.38
C GLU A 150 16.67 15.83 -13.82
N ASP A 151 17.35 15.20 -12.87
CA ASP A 151 18.52 14.38 -13.20
C ASP A 151 18.61 13.18 -12.25
N PRO A 152 17.74 12.17 -12.45
CA PRO A 152 17.69 11.01 -11.56
C PRO A 152 18.99 10.20 -11.55
N THR A 153 19.79 10.35 -12.59
CA THR A 153 21.05 9.62 -12.70
C THR A 153 22.11 10.27 -11.79
N MET A 154 22.29 11.58 -11.93
CA MET A 154 23.18 12.33 -11.04
C MET A 154 22.62 12.33 -9.62
N TRP A 155 21.31 12.54 -9.53
CA TRP A 155 20.64 12.73 -8.25
C TRP A 155 19.50 11.74 -8.06
N PRO A 156 19.83 10.50 -7.65
CA PRO A 156 18.80 9.51 -7.35
C PRO A 156 17.84 10.02 -6.27
N MET A 157 16.56 9.77 -6.45
CA MET A 157 15.55 10.30 -5.56
C MET A 157 15.70 9.76 -4.14
N GLU A 158 16.25 8.56 -4.04
CA GLU A 158 16.20 7.80 -2.79
C GLU A 158 17.40 8.04 -1.86
N ILE A 159 18.44 8.68 -2.39
CA ILE A 159 19.67 8.91 -1.64
C ILE A 159 19.82 10.38 -1.28
N TRP A 160 20.00 10.64 0.01
CA TRP A 160 20.17 12.00 0.53
C TRP A 160 21.28 12.01 1.57
N ASP A 161 22.17 13.00 1.48
CA ASP A 161 23.38 13.03 2.29
C ASP A 161 24.11 11.69 2.22
N GLY A 162 24.04 11.05 1.06
CA GLY A 162 24.76 9.81 0.80
C GLY A 162 24.12 8.57 1.39
N LYS A 163 22.92 8.71 1.94
CA LYS A 163 22.23 7.58 2.57
C LYS A 163 20.86 7.30 1.95
N PRO A 164 20.54 6.01 1.72
CA PRO A 164 19.22 5.62 1.21
C PRO A 164 18.12 5.91 2.22
N ARG A 165 16.97 6.37 1.75
CA ARG A 165 15.91 6.87 2.61
C ARG A 165 14.55 6.19 2.47
N LEU A 166 14.39 5.37 1.43
CA LEU A 166 13.07 4.82 1.12
C LEU A 166 12.78 3.59 1.97
N SER A 167 11.63 3.60 2.64
CA SER A 167 11.23 2.49 3.48
C SER A 167 9.73 2.19 3.38
N VAL A 168 9.18 2.40 2.19
CA VAL A 168 7.88 1.85 1.83
C VAL A 168 7.96 1.17 0.46
N ALA A 169 6.99 0.33 0.18
CA ALA A 169 6.97 -0.48 -1.03
C ALA A 169 6.41 0.29 -2.23
N GLY A 170 6.03 -0.44 -3.28
CA GLY A 170 5.46 0.16 -4.47
C GLY A 170 6.50 0.50 -5.54
N VAL A 171 6.10 0.38 -6.80
CA VAL A 171 7.05 0.54 -7.90
C VAL A 171 7.32 1.99 -8.32
N GLN A 172 6.44 2.90 -7.96
CA GLN A 172 6.59 4.28 -8.41
C GLN A 172 7.61 5.03 -7.54
N PRO A 173 8.30 6.01 -8.12
CA PRO A 173 9.26 6.78 -7.33
C PRO A 173 8.56 7.60 -6.27
N LYS A 174 9.14 7.63 -5.08
CA LYS A 174 8.49 8.26 -3.94
C LYS A 174 9.47 8.43 -2.79
N LEU A 175 9.06 9.22 -1.82
CA LEU A 175 9.76 9.33 -0.56
C LEU A 175 8.74 9.29 0.56
N ASN A 176 9.10 8.63 1.66
CA ASN A 176 8.29 8.71 2.87
C ASN A 176 8.91 9.76 3.80
N LEU A 177 8.12 10.77 4.11
CA LEU A 177 8.62 11.99 4.74
C LEU A 177 7.78 12.44 5.92
N PHE A 178 8.39 13.28 6.75
CA PHE A 178 7.70 13.97 7.83
C PHE A 178 7.21 15.31 7.28
N TYR A 179 6.01 15.72 7.67
CA TYR A 179 5.37 16.88 7.07
C TYR A 179 4.25 17.42 7.95
N ASN A 180 4.24 18.74 8.15
CA ASN A 180 3.21 19.39 8.96
C ASN A 180 2.51 20.54 8.24
N GLY A 181 2.50 20.48 6.91
CA GLY A 181 1.71 21.41 6.12
C GLY A 181 2.50 22.51 5.43
N LYS A 182 3.74 22.73 5.89
CA LYS A 182 4.61 23.71 5.24
C LYS A 182 5.83 23.05 4.59
N GLU A 183 6.77 22.56 5.40
CA GLU A 183 7.99 21.98 4.86
C GLU A 183 8.13 20.48 5.15
N PHE A 184 8.80 19.78 4.23
CA PHE A 184 9.06 18.35 4.38
C PHE A 184 10.42 18.10 5.03
N ALA A 185 10.56 16.95 5.66
CA ALA A 185 11.83 16.53 6.25
C ALA A 185 11.89 15.01 6.35
N PHE A 186 13.10 14.48 6.46
CA PHE A 186 13.26 13.08 6.83
C PHE A 186 13.22 12.96 8.34
N ALA A 187 12.47 11.98 8.82
CA ALA A 187 12.42 11.70 10.24
C ALA A 187 13.56 10.75 10.54
N GLU A 188 14.18 10.92 11.70
CA GLU A 188 15.29 10.07 12.11
C GLU A 188 15.12 9.63 13.55
N GLY A 189 15.78 8.53 13.91
CA GLY A 189 15.71 8.03 15.28
C GLY A 189 14.34 7.46 15.62
N THR A 190 13.74 7.96 16.70
CA THR A 190 12.45 7.46 17.16
C THR A 190 11.29 8.10 16.42
N LEU A 191 11.57 9.20 15.70
CA LEU A 191 10.57 9.85 14.88
C LEU A 191 10.35 9.02 13.64
N SER A 192 9.21 9.22 12.99
CA SER A 192 8.90 8.47 11.78
C SER A 192 8.15 9.34 10.77
N SER A 193 8.15 8.88 9.52
CA SER A 193 7.49 9.59 8.45
C SER A 193 5.98 9.59 8.67
N THR A 194 5.31 10.61 8.15
CA THR A 194 3.88 10.81 8.33
C THR A 194 3.17 10.83 6.99
N HIS A 195 3.94 11.01 5.91
CA HIS A 195 3.39 11.15 4.58
C HIS A 195 4.23 10.41 3.55
N ILE A 196 3.58 10.04 2.45
CA ILE A 196 4.24 9.46 1.31
C ILE A 196 4.06 10.40 0.14
N VAL A 197 5.16 10.85 -0.43
CA VAL A 197 5.13 11.77 -1.55
C VAL A 197 5.50 11.01 -2.81
N LYS A 198 4.56 10.98 -3.77
CA LYS A 198 4.70 10.18 -4.97
C LYS A 198 4.94 11.08 -6.18
N PHE A 199 5.96 10.72 -6.96
CA PHE A 199 6.37 11.50 -8.12
C PHE A 199 5.89 10.82 -9.39
N GLU A 200 5.63 11.60 -10.44
CA GLU A 200 5.12 11.06 -11.69
C GLU A 200 6.23 10.80 -12.71
N LYS A 201 6.19 9.61 -13.28
CA LYS A 201 7.05 9.23 -14.40
C LYS A 201 6.19 9.01 -15.63
N TYR A 202 4.89 9.24 -15.48
CA TYR A 202 3.96 9.24 -16.61
C TYR A 202 3.11 10.50 -16.56
N HIS A 203 2.68 10.93 -17.72
CA HIS A 203 1.96 12.19 -17.86
C HIS A 203 0.68 12.25 -17.04
N HIS A 204 0.56 13.32 -16.26
CA HIS A 204 -0.65 13.63 -15.53
C HIS A 204 -0.99 12.58 -14.46
N LEU A 205 0.01 11.82 -14.04
CA LEU A 205 -0.24 10.76 -13.05
C LEU A 205 -0.59 11.33 -11.68
N VAL A 206 0.00 12.47 -11.33
CA VAL A 206 -0.32 13.11 -10.06
C VAL A 206 -1.78 13.61 -10.06
N ILE A 207 -2.17 14.28 -11.13
CA ILE A 207 -3.54 14.77 -11.28
C ILE A 207 -4.52 13.60 -11.30
N ASN A 208 -4.15 12.56 -12.04
CA ASN A 208 -4.95 11.33 -12.14
C ASN A 208 -5.25 10.75 -10.76
N GLU A 209 -4.20 10.49 -9.99
CA GLU A 209 -4.37 9.88 -8.67
C GLU A 209 -5.07 10.83 -7.69
N PHE A 210 -4.75 12.13 -7.77
CA PHE A 210 -5.43 13.13 -6.96
C PHE A 210 -6.94 13.09 -7.19
N ILE A 211 -7.34 13.15 -8.45
CA ILE A 211 -8.76 13.13 -8.80
C ILE A 211 -9.42 11.85 -8.33
N THR A 212 -8.78 10.72 -8.62
CA THR A 212 -9.34 9.42 -8.29
C THR A 212 -9.48 9.25 -6.77
N MET A 213 -8.45 9.63 -6.02
CA MET A 213 -8.49 9.56 -4.56
C MET A 213 -9.51 10.53 -3.95
N ARG A 214 -9.58 11.75 -4.49
CA ARG A 214 -10.56 12.72 -3.99
C ARG A 214 -11.99 12.31 -4.37
N LEU A 215 -12.15 11.65 -5.51
CA LEU A 215 -13.45 11.15 -5.91
C LEU A 215 -13.97 10.14 -4.87
N ALA A 216 -13.12 9.20 -4.47
CA ALA A 216 -13.48 8.24 -3.45
C ALA A 216 -13.92 8.95 -2.16
N LYS A 217 -13.21 10.02 -1.81
CA LYS A 217 -13.49 10.77 -0.59
C LYS A 217 -14.86 11.44 -0.66
N VAL A 218 -15.12 12.13 -1.76
CA VAL A 218 -16.40 12.81 -1.95
C VAL A 218 -17.56 11.81 -1.96
N LEU A 219 -17.32 10.62 -2.50
CA LEU A 219 -18.34 9.58 -2.51
C LEU A 219 -18.59 8.96 -1.14
N GLY A 220 -17.79 9.36 -0.15
CA GLY A 220 -17.98 8.90 1.22
C GLY A 220 -17.24 7.62 1.55
N MET A 221 -16.30 7.23 0.69
CA MET A 221 -15.52 6.02 0.93
C MET A 221 -14.46 6.28 1.98
N ASN A 222 -13.92 5.19 2.54
CA ASN A 222 -12.84 5.27 3.48
C ASN A 222 -11.53 5.26 2.69
N VAL A 223 -10.89 6.43 2.61
CA VAL A 223 -9.76 6.62 1.71
C VAL A 223 -8.74 7.57 2.32
N ALA A 224 -7.46 7.34 2.00
CA ALA A 224 -6.39 8.18 2.50
C ALA A 224 -6.54 9.61 1.99
N ASN A 225 -6.15 10.57 2.83
CA ASN A 225 -6.13 11.97 2.45
C ASN A 225 -4.96 12.30 1.53
N VAL A 226 -5.23 13.06 0.48
CA VAL A 226 -4.20 13.47 -0.46
C VAL A 226 -4.28 14.95 -0.81
N ASP A 227 -3.12 15.55 -1.01
CA ASP A 227 -2.97 16.89 -1.54
C ASP A 227 -2.02 16.82 -2.72
N ILE A 228 -2.17 17.73 -3.67
CA ILE A 228 -1.10 17.98 -4.62
C ILE A 228 -0.17 19.01 -4.00
N VAL A 229 1.12 18.71 -4.02
CA VAL A 229 2.12 19.68 -3.59
C VAL A 229 3.04 20.00 -4.75
N HIS A 230 3.76 21.11 -4.61
CA HIS A 230 4.62 21.61 -5.68
C HIS A 230 6.06 21.70 -5.24
N PHE A 231 6.93 21.26 -6.13
CA PHE A 231 8.36 21.49 -6.00
C PHE A 231 8.80 22.24 -7.24
N GLY A 232 8.86 23.56 -7.12
CA GLY A 232 9.02 24.41 -8.28
C GLY A 232 7.81 24.25 -9.17
N ARG A 233 8.06 23.95 -10.44
CA ARG A 233 6.97 23.79 -11.40
C ARG A 233 6.35 22.40 -11.33
N TYR A 234 7.03 21.48 -10.66
CA TYR A 234 6.63 20.07 -10.68
C TYR A 234 5.62 19.75 -9.59
N LYS A 235 4.59 18.99 -9.98
CA LYS A 235 3.59 18.54 -9.04
C LYS A 235 3.95 17.16 -8.51
N ALA A 236 3.62 16.91 -7.25
CA ALA A 236 3.74 15.60 -6.65
C ALA A 236 2.50 15.36 -5.81
N LEU A 237 2.21 14.10 -5.55
CA LEU A 237 1.08 13.74 -4.71
C LEU A 237 1.53 13.46 -3.29
N CYS A 238 0.98 14.21 -2.35
CA CYS A 238 1.30 14.03 -0.93
C CYS A 238 0.16 13.27 -0.24
N VAL A 239 0.47 12.05 0.17
CA VAL A 239 -0.51 11.16 0.78
C VAL A 239 -0.25 11.05 2.26
N GLU A 240 -1.29 11.31 3.05
CA GLU A 240 -1.20 11.21 4.51
C GLU A 240 -1.26 9.75 4.92
N ARG A 241 -0.30 9.33 5.73
CA ARG A 241 -0.24 7.94 6.15
C ARG A 241 -1.28 7.65 7.22
N PHE A 242 -1.98 6.52 7.07
CA PHE A 242 -2.98 6.10 8.06
C PHE A 242 -2.40 5.11 9.08
N ASP A 243 -1.12 4.75 8.91
CA ASP A 243 -0.41 3.98 9.93
C ASP A 243 0.41 4.92 10.83
N ARG A 244 0.05 6.20 10.79
CA ARG A 244 0.74 7.22 11.58
C ARG A 244 -0.21 8.30 12.06
N ARG A 245 0.08 8.86 13.23
CA ARG A 245 -0.58 10.05 13.69
C ARG A 245 0.40 10.92 14.45
N ASN A 246 0.73 12.05 13.85
CA ASN A 246 1.53 13.05 14.51
C ASN A 246 0.70 13.68 15.59
N ILE A 247 1.19 13.65 16.83
CA ILE A 247 0.45 14.22 17.93
C ILE A 247 0.50 15.75 17.85
N PRO A 248 -0.65 16.40 17.71
CA PRO A 248 -0.65 17.87 17.68
C PRO A 248 -0.14 18.43 18.99
N GLY A 249 0.83 19.34 18.91
CA GLY A 249 1.32 20.03 20.09
C GLY A 249 2.65 19.51 20.61
N GLU A 250 3.19 18.49 19.94
CA GLU A 250 4.50 17.96 20.32
C GLU A 250 5.13 17.23 19.15
N GLN A 251 6.40 16.88 19.30
CA GLN A 251 7.15 16.17 18.26
C GLN A 251 7.14 14.69 18.58
N ARG A 252 6.08 14.02 18.17
CA ARG A 252 5.95 12.61 18.41
C ARG A 252 4.91 12.02 17.47
N VAL A 253 5.27 10.90 16.86
CA VAL A 253 4.42 10.28 15.87
C VAL A 253 4.02 8.90 16.38
N LEU A 254 2.72 8.72 16.57
CA LEU A 254 2.18 7.45 16.99
C LEU A 254 1.99 6.59 15.76
N ARG A 255 2.13 5.28 15.91
CA ARG A 255 2.00 4.36 14.79
C ARG A 255 0.85 3.39 15.01
N ARG A 256 0.24 2.95 13.91
CA ARG A 256 -0.77 1.90 13.94
C ARG A 256 -0.29 0.80 13.00
N HIS A 257 -0.36 -0.45 13.44
CA HIS A 257 0.18 -1.54 12.63
C HIS A 257 -0.75 -1.91 11.49
N ILE A 258 -0.16 -2.13 10.32
CA ILE A 258 -0.89 -2.58 9.14
C ILE A 258 -0.14 -3.71 8.45
N VAL A 259 -0.87 -4.48 7.65
CA VAL A 259 -0.27 -5.45 6.73
C VAL A 259 -1.05 -5.35 5.42
N ASP A 260 -0.39 -5.62 4.29
CA ASP A 260 -1.13 -5.67 3.03
C ASP A 260 -1.71 -7.07 2.86
N SER A 261 -2.52 -7.26 1.82
CA SER A 261 -3.28 -8.49 1.71
C SER A 261 -2.35 -9.68 1.40
N CYS A 262 -1.23 -9.41 0.76
CA CYS A 262 -0.22 -10.45 0.56
C CYS A 262 0.27 -10.97 1.90
N GLN A 263 0.67 -10.05 2.76
CA GLN A 263 1.13 -10.39 4.10
C GLN A 263 0.03 -11.10 4.89
N ALA A 264 -1.19 -10.62 4.76
CA ALA A 264 -2.31 -11.20 5.51
C ALA A 264 -2.58 -12.65 5.08
N LEU A 265 -2.33 -12.94 3.81
CA LEU A 265 -2.56 -14.28 3.27
C LEU A 265 -1.31 -15.17 3.39
N GLY A 266 -0.21 -14.59 3.86
CA GLY A 266 1.05 -15.30 3.98
C GLY A 266 1.67 -15.59 2.62
N PHE A 267 1.52 -14.63 1.71
CA PHE A 267 1.99 -14.76 0.33
C PHE A 267 3.26 -13.95 0.09
N SER A 268 4.10 -14.46 -0.80
CA SER A 268 5.25 -13.72 -1.30
C SER A 268 4.82 -12.46 -2.05
N VAL A 269 5.70 -11.46 -2.05
CA VAL A 269 5.55 -10.29 -2.91
C VAL A 269 5.34 -10.70 -4.37
N SER A 270 5.83 -11.88 -4.72
CA SER A 270 5.70 -12.37 -6.09
C SER A 270 4.26 -12.74 -6.44
N LYS A 271 3.40 -12.78 -5.42
CA LYS A 271 2.01 -13.17 -5.62
C LYS A 271 1.08 -11.97 -5.52
N LYS A 272 1.61 -10.77 -5.67
CA LYS A 272 0.80 -9.56 -5.59
C LYS A 272 -0.30 -9.57 -6.65
N TYR A 273 0.03 -10.03 -7.85
CA TYR A 273 -0.98 -10.17 -8.91
C TYR A 273 -1.53 -11.59 -8.93
N GLU A 274 -2.82 -11.73 -9.22
CA GLU A 274 -3.44 -13.04 -9.27
C GLU A 274 -2.72 -13.94 -10.26
N ARG A 275 -2.47 -13.42 -11.46
CA ARG A 275 -1.59 -14.08 -12.41
C ARG A 275 -0.15 -13.81 -11.99
N ASN A 276 0.35 -14.63 -11.07
CA ASN A 276 1.58 -14.33 -10.34
C ASN A 276 2.87 -14.57 -11.12
N PHE A 277 2.76 -15.16 -12.31
CA PHE A 277 3.93 -15.31 -13.19
C PHE A 277 3.86 -14.36 -14.36
N GLY A 278 2.80 -13.56 -14.41
CA GLY A 278 2.70 -12.47 -15.35
C GLY A 278 1.66 -12.63 -16.44
N THR A 279 1.77 -11.73 -17.42
CA THR A 279 0.86 -11.64 -18.55
C THR A 279 1.12 -12.68 -19.63
N GLY A 280 2.29 -13.32 -19.57
CA GLY A 280 2.64 -14.35 -20.53
C GLY A 280 1.52 -15.35 -20.66
N ARG A 281 1.21 -15.71 -21.90
CA ARG A 281 0.08 -16.60 -22.17
C ARG A 281 0.39 -18.04 -21.78
N ASP A 282 1.67 -18.37 -21.65
CA ASP A 282 2.03 -19.71 -21.18
C ASP A 282 1.68 -19.86 -19.70
N VAL A 283 1.49 -18.75 -19.01
CA VAL A 283 1.20 -18.76 -17.58
C VAL A 283 -0.11 -18.06 -17.22
N LYS A 284 -0.95 -17.81 -18.22
CA LYS A 284 -2.19 -17.07 -18.01
C LYS A 284 -3.17 -17.79 -17.08
N ASP A 285 -3.02 -19.10 -16.94
CA ASP A 285 -3.92 -19.89 -16.10
C ASP A 285 -3.27 -20.30 -14.79
N ILE A 286 -2.07 -19.78 -14.55
CA ILE A 286 -1.45 -19.91 -13.24
C ILE A 286 -1.91 -18.71 -12.44
N ARG A 287 -2.88 -18.93 -11.55
CA ARG A 287 -3.54 -17.85 -10.83
C ARG A 287 -3.42 -18.07 -9.34
N GLU A 288 -2.18 -18.03 -8.86
CA GLU A 288 -1.86 -18.39 -7.48
C GLU A 288 -1.76 -17.17 -6.59
N GLY A 289 -1.88 -15.98 -7.17
CA GLY A 289 -1.68 -14.75 -6.44
C GLY A 289 -2.96 -14.29 -5.78
N VAL A 290 -2.95 -13.07 -5.27
CA VAL A 290 -4.13 -12.55 -4.59
C VAL A 290 -5.26 -12.36 -5.58
N SER A 291 -6.35 -13.06 -5.31
CA SER A 291 -7.55 -13.03 -6.13
C SER A 291 -8.66 -12.44 -5.28
N PHE A 292 -9.80 -12.14 -5.88
CA PHE A 292 -10.92 -11.63 -5.10
C PHE A 292 -11.39 -12.67 -4.08
N ASN A 293 -11.44 -13.94 -4.47
CA ASN A 293 -11.91 -14.97 -3.55
C ASN A 293 -11.00 -15.07 -2.33
N ARG A 294 -9.70 -14.94 -2.57
CA ARG A 294 -8.73 -14.96 -1.48
C ARG A 294 -8.81 -13.71 -0.61
N LEU A 295 -8.96 -12.55 -1.25
CA LEU A 295 -9.08 -11.29 -0.51
C LEU A 295 -10.32 -11.33 0.40
N PHE A 296 -11.45 -11.76 -0.15
CA PHE A 296 -12.69 -11.80 0.62
C PHE A 296 -12.59 -12.83 1.76
N SER A 297 -11.78 -13.87 1.57
CA SER A 297 -11.59 -14.88 2.61
C SER A 297 -10.98 -14.28 3.88
N LEU A 298 -10.29 -13.16 3.74
CA LEU A 298 -9.66 -12.49 4.88
C LEU A 298 -10.67 -11.77 5.78
N ALA A 299 -11.88 -11.55 5.28
CA ALA A 299 -12.92 -10.90 6.07
C ALA A 299 -13.16 -11.67 7.37
N ALA A 300 -12.98 -12.99 7.31
CA ALA A 300 -13.24 -13.84 8.47
C ALA A 300 -12.31 -13.50 9.64
N LYS A 301 -11.15 -12.92 9.33
CA LYS A 301 -10.19 -12.55 10.34
C LYS A 301 -10.40 -11.12 10.83
N CYS A 302 -11.40 -10.43 10.27
CA CYS A 302 -11.64 -9.04 10.61
C CYS A 302 -12.57 -8.92 11.81
N ARG A 303 -12.47 -7.79 12.51
CA ARG A 303 -13.33 -7.52 13.65
C ARG A 303 -14.80 -7.55 13.25
N ASN A 304 -15.07 -7.08 12.04
CA ASN A 304 -16.42 -7.02 11.51
C ASN A 304 -16.41 -7.57 10.08
N PRO A 305 -16.51 -8.90 9.95
CA PRO A 305 -16.42 -9.57 8.63
C PRO A 305 -17.37 -9.03 7.57
N VAL A 306 -18.63 -8.78 7.93
CA VAL A 306 -19.62 -8.33 6.97
C VAL A 306 -19.28 -6.94 6.45
N ALA A 307 -18.88 -6.06 7.36
CA ALA A 307 -18.49 -4.71 6.98
C ALA A 307 -17.25 -4.75 6.10
N ALA A 308 -16.33 -5.65 6.41
CA ALA A 308 -15.10 -5.79 5.64
C ALA A 308 -15.41 -6.20 4.19
N LYS A 309 -16.30 -7.19 4.03
CA LYS A 309 -16.69 -7.63 2.70
C LYS A 309 -17.40 -6.52 1.91
N GLN A 310 -18.21 -5.73 2.59
CA GLN A 310 -18.86 -4.59 1.93
C GLN A 310 -17.82 -3.59 1.45
N ASP A 311 -16.80 -3.36 2.26
CA ASP A 311 -15.74 -2.45 1.85
C ASP A 311 -15.00 -2.99 0.63
N MET A 312 -14.66 -4.27 0.66
CA MET A 312 -13.96 -4.91 -0.46
C MET A 312 -14.79 -4.83 -1.74
N LEU A 313 -16.11 -5.00 -1.60
CA LEU A 313 -16.99 -4.95 -2.76
C LEU A 313 -17.06 -3.54 -3.31
N GLN A 314 -17.18 -2.56 -2.42
CA GLN A 314 -17.22 -1.16 -2.83
C GLN A 314 -15.92 -0.78 -3.54
N TRP A 315 -14.82 -1.32 -3.05
CA TRP A 315 -13.50 -1.10 -3.62
C TRP A 315 -13.45 -1.66 -5.05
N ALA A 316 -13.91 -2.89 -5.22
CA ALA A 316 -13.93 -3.53 -6.52
C ALA A 316 -14.76 -2.72 -7.52
N LEU A 317 -15.94 -2.28 -7.08
CA LEU A 317 -16.84 -1.55 -7.96
C LEU A 317 -16.29 -0.17 -8.29
N PHE A 318 -15.77 0.52 -7.28
CA PHE A 318 -15.12 1.80 -7.49
C PHE A 318 -13.99 1.67 -8.49
N ASN A 319 -13.17 0.64 -8.34
CA ASN A 319 -12.05 0.42 -9.24
C ASN A 319 -12.50 0.12 -10.67
N LEU A 320 -13.60 -0.60 -10.81
CA LEU A 320 -14.14 -0.82 -12.15
C LEU A 320 -14.58 0.50 -12.77
N LEU A 321 -15.32 1.28 -12.00
CA LEU A 321 -15.90 2.52 -12.52
C LEU A 321 -14.84 3.56 -12.87
N THR A 322 -13.71 3.51 -12.17
CA THR A 322 -12.62 4.46 -12.42
C THR A 322 -11.50 3.90 -13.31
N GLY A 323 -11.59 2.64 -13.69
CA GLY A 323 -10.62 2.04 -14.58
C GLY A 323 -9.29 1.72 -13.92
N ASN A 324 -9.33 1.33 -12.66
CA ASN A 324 -8.13 0.96 -11.92
C ASN A 324 -7.79 -0.50 -12.13
N ALA A 325 -6.95 -0.76 -13.14
CA ALA A 325 -6.57 -2.13 -13.50
C ALA A 325 -5.38 -2.62 -12.67
N ASP A 326 -4.93 -1.83 -11.70
CA ASP A 326 -3.77 -2.20 -10.90
C ASP A 326 -4.11 -2.39 -9.42
N ALA A 327 -5.32 -2.86 -9.14
CA ALA A 327 -5.75 -3.11 -7.77
C ALA A 327 -5.33 -4.50 -7.31
N HIS A 328 -4.02 -4.67 -7.12
CA HIS A 328 -3.42 -5.94 -6.75
C HIS A 328 -3.35 -6.11 -5.23
N GLY A 329 -2.74 -7.19 -4.78
CA GLY A 329 -2.75 -7.55 -3.36
C GLY A 329 -2.01 -6.63 -2.41
N LYS A 330 -1.02 -5.90 -2.91
CA LYS A 330 -0.31 -4.93 -2.07
C LYS A 330 -1.02 -3.56 -2.06
N ASN A 331 -2.15 -3.45 -2.79
CA ASN A 331 -2.94 -2.21 -2.81
C ASN A 331 -4.23 -2.28 -1.99
N TYR A 332 -4.31 -3.28 -1.12
CA TYR A 332 -5.34 -3.32 -0.09
C TYR A 332 -4.64 -3.78 1.19
N SER A 333 -4.89 -3.07 2.28
CA SER A 333 -4.25 -3.35 3.56
C SER A 333 -5.26 -3.44 4.71
N PHE A 334 -4.78 -3.92 5.84
CA PHE A 334 -5.59 -4.06 7.06
C PHE A 334 -4.79 -3.58 8.24
N PHE A 335 -5.46 -2.94 9.20
CA PHE A 335 -4.89 -2.74 10.51
C PHE A 335 -4.89 -4.07 11.24
N MET A 336 -3.85 -4.31 12.04
CA MET A 336 -3.83 -5.45 12.96
C MET A 336 -4.15 -4.92 14.33
N THR A 337 -5.10 -5.55 15.01
CA THR A 337 -5.47 -5.17 16.36
C THR A 337 -5.65 -6.42 17.21
N PRO A 338 -5.66 -6.25 18.54
CA PRO A 338 -5.90 -7.36 19.47
C PRO A 338 -7.20 -8.12 19.20
N SER A 339 -8.18 -7.45 18.59
CA SER A 339 -9.50 -8.05 18.35
C SER A 339 -9.72 -8.50 16.91
N GLY A 340 -8.70 -8.35 16.07
CA GLY A 340 -8.76 -8.80 14.69
C GLY A 340 -8.35 -7.71 13.73
N MET A 341 -8.38 -8.02 12.43
CA MET A 341 -8.01 -7.06 11.42
C MET A 341 -9.14 -6.07 11.13
N GLU A 342 -8.79 -4.97 10.50
CA GLU A 342 -9.75 -3.96 10.08
C GLU A 342 -9.23 -3.37 8.77
N PRO A 343 -10.05 -3.39 7.70
CA PRO A 343 -9.50 -2.82 6.47
C PRO A 343 -9.05 -1.37 6.63
N THR A 344 -7.93 -1.01 6.02
CA THR A 344 -7.44 0.36 6.06
C THR A 344 -8.19 1.21 5.06
N PRO A 345 -8.08 2.54 5.19
CA PRO A 345 -8.55 3.41 4.12
C PRO A 345 -7.85 3.04 2.81
N TRP A 346 -8.51 3.30 1.70
CA TRP A 346 -7.98 2.94 0.40
C TRP A 346 -6.81 3.84 0.00
N TYR A 347 -5.94 3.32 -0.85
CA TYR A 347 -4.80 4.09 -1.35
C TYR A 347 -4.42 3.58 -2.72
N ASP A 348 -3.61 4.36 -3.45
CA ASP A 348 -3.10 3.98 -4.76
C ASP A 348 -4.23 3.73 -5.74
N LEU A 349 -5.24 4.60 -5.68
CA LEU A 349 -6.36 4.57 -6.61
C LEU A 349 -6.03 5.47 -7.80
N VAL A 350 -5.96 4.87 -8.97
CA VAL A 350 -5.53 5.56 -10.17
C VAL A 350 -6.35 5.05 -11.35
N SER A 351 -6.74 5.95 -12.24
CA SER A 351 -7.40 5.53 -13.47
C SER A 351 -6.35 5.11 -14.48
N VAL A 352 -5.93 3.86 -14.36
CA VAL A 352 -4.88 3.31 -15.20
C VAL A 352 -5.37 3.23 -16.64
N ASP A 353 -6.68 3.05 -16.79
CA ASP A 353 -7.35 3.05 -18.08
C ASP A 353 -6.99 4.27 -18.94
N MET A 354 -6.56 5.35 -18.29
CA MET A 354 -6.28 6.60 -19.01
C MET A 354 -5.02 6.50 -19.88
N TYR A 355 -4.18 5.50 -19.60
CA TYR A 355 -2.95 5.29 -20.37
C TYR A 355 -3.18 4.26 -21.46
N GLU A 356 -3.55 4.80 -22.63
CA GLU A 356 -4.02 3.99 -23.75
C GLU A 356 -2.89 3.53 -24.66
N ASP A 357 -1.64 3.73 -24.23
CA ASP A 357 -0.50 3.14 -24.90
C ASP A 357 -0.13 1.85 -24.18
N PHE A 358 -1.07 1.34 -23.40
CA PHE A 358 -0.87 0.10 -22.66
C PHE A 358 -2.17 -0.69 -22.61
N GLU A 359 -2.09 -1.96 -22.99
CA GLU A 359 -3.24 -2.85 -22.99
C GLU A 359 -3.31 -3.52 -21.62
N GLN A 360 -4.46 -3.39 -20.98
CA GLN A 360 -4.56 -3.68 -19.55
C GLN A 360 -5.42 -4.89 -19.21
N GLN A 361 -5.03 -5.54 -18.12
CA GLN A 361 -5.80 -6.60 -17.50
C GLN A 361 -6.08 -6.19 -16.06
N LEU A 362 -7.21 -6.63 -15.53
CA LEU A 362 -7.48 -6.49 -14.11
C LEU A 362 -6.43 -7.25 -13.31
N ALA A 363 -6.04 -6.72 -12.15
CA ALA A 363 -5.14 -7.44 -11.26
C ALA A 363 -5.80 -8.71 -10.74
N MET A 364 -7.08 -8.60 -10.41
CA MET A 364 -7.88 -9.73 -9.94
C MET A 364 -9.07 -9.92 -10.86
N ALA A 365 -9.25 -11.16 -11.33
CA ALA A 365 -10.33 -11.47 -12.26
C ALA A 365 -11.70 -11.46 -11.59
N ILE A 366 -12.70 -11.21 -12.41
CA ILE A 366 -14.11 -11.31 -12.02
C ILE A 366 -14.77 -12.36 -12.91
N ASP A 367 -15.24 -13.45 -12.32
CA ASP A 367 -15.83 -14.56 -13.08
C ASP A 367 -14.84 -15.03 -14.14
N ASP A 368 -13.57 -15.14 -13.74
CA ASP A 368 -12.51 -15.66 -14.61
C ASP A 368 -12.21 -14.71 -15.77
N GLU A 369 -12.73 -13.49 -15.70
CA GLU A 369 -12.49 -12.49 -16.74
C GLU A 369 -11.49 -11.44 -16.29
N PHE A 370 -10.41 -11.27 -17.06
CA PHE A 370 -9.35 -10.32 -16.74
C PHE A 370 -9.41 -9.04 -17.59
N ASP A 371 -10.21 -9.04 -18.65
CA ASP A 371 -10.35 -7.88 -19.51
C ASP A 371 -11.47 -6.98 -18.97
N PRO A 372 -11.11 -5.75 -18.51
CA PRO A 372 -12.12 -4.86 -17.93
C PRO A 372 -13.26 -4.53 -18.88
N ASN A 373 -12.97 -4.55 -20.18
CA ASN A 373 -13.97 -4.22 -21.17
C ASN A 373 -15.01 -5.32 -21.36
N SER A 374 -14.73 -6.50 -20.81
CA SER A 374 -15.61 -7.67 -20.99
C SER A 374 -16.33 -8.05 -19.71
N ILE A 375 -16.47 -7.09 -18.81
CA ILE A 375 -17.28 -7.27 -17.60
C ILE A 375 -18.71 -6.79 -17.87
N TYR A 376 -19.65 -7.72 -17.88
CA TYR A 376 -21.06 -7.41 -18.06
C TYR A 376 -21.83 -7.97 -16.87
N ALA A 377 -23.15 -8.02 -16.97
CA ALA A 377 -23.98 -8.40 -15.83
C ALA A 377 -23.73 -9.84 -15.44
N TYR A 378 -23.48 -10.70 -16.42
CA TYR A 378 -23.25 -12.10 -16.14
C TYR A 378 -22.05 -12.25 -15.20
N GLN A 379 -20.95 -11.60 -15.57
CA GLN A 379 -19.72 -11.70 -14.80
C GLN A 379 -19.92 -11.21 -13.37
N LEU A 380 -20.72 -10.15 -13.22
CA LEU A 380 -20.95 -9.58 -11.89
C LEU A 380 -21.84 -10.48 -11.05
N ALA A 381 -22.84 -11.11 -11.67
CA ALA A 381 -23.70 -12.04 -10.97
C ALA A 381 -22.92 -13.28 -10.51
N ALA A 382 -22.07 -13.79 -11.39
CA ALA A 382 -21.27 -14.97 -11.10
C ALA A 382 -20.26 -14.68 -9.99
N PHE A 383 -19.70 -13.48 -10.04
CA PHE A 383 -18.77 -12.98 -9.04
C PHE A 383 -19.40 -13.04 -7.65
N MET A 384 -20.60 -12.51 -7.52
CA MET A 384 -21.29 -12.47 -6.23
C MET A 384 -21.70 -13.85 -5.76
N ASP A 385 -22.25 -14.66 -6.66
CA ASP A 385 -22.63 -16.02 -6.33
C ASP A 385 -21.41 -16.81 -5.81
N GLY A 386 -20.27 -16.60 -6.45
CA GLY A 386 -19.05 -17.29 -6.09
C GLY A 386 -18.44 -16.82 -4.79
N LEU A 387 -18.78 -15.60 -4.38
CA LEU A 387 -18.36 -15.07 -3.09
C LEU A 387 -19.36 -15.45 -2.00
N GLY A 388 -20.50 -15.99 -2.42
CA GLY A 388 -21.55 -16.34 -1.49
C GLY A 388 -22.22 -15.10 -0.90
N LEU A 389 -22.23 -14.02 -1.67
CA LEU A 389 -22.90 -12.78 -1.27
C LEU A 389 -24.14 -12.53 -2.13
N PRO A 390 -25.18 -11.92 -1.52
CA PRO A 390 -26.40 -11.66 -2.29
C PRO A 390 -26.17 -10.60 -3.36
N ARG A 391 -26.73 -10.83 -4.55
CA ARG A 391 -26.50 -9.95 -5.68
C ARG A 391 -27.01 -8.54 -5.44
N ASN A 392 -28.04 -8.41 -4.60
CA ASN A 392 -28.61 -7.10 -4.30
C ASN A 392 -27.58 -6.15 -3.68
N LEU A 393 -26.59 -6.72 -2.99
CA LEU A 393 -25.55 -5.88 -2.39
C LEU A 393 -24.71 -5.22 -3.48
N LEU A 394 -24.46 -5.95 -4.56
CA LEU A 394 -23.73 -5.38 -5.69
C LEU A 394 -24.62 -4.39 -6.43
N ILE A 395 -25.87 -4.78 -6.67
CA ILE A 395 -26.80 -3.94 -7.41
C ILE A 395 -26.98 -2.59 -6.74
N SER A 396 -27.21 -2.60 -5.42
CA SER A 396 -27.43 -1.37 -4.68
C SER A 396 -26.20 -0.47 -4.70
N ASN A 397 -25.04 -1.03 -4.37
CA ASN A 397 -23.81 -0.24 -4.31
C ASN A 397 -23.36 0.28 -5.66
N LEU A 398 -23.40 -0.58 -6.68
CA LEU A 398 -23.00 -0.19 -8.02
C LEU A 398 -23.91 0.93 -8.56
N THR A 399 -25.21 0.78 -8.38
CA THR A 399 -26.16 1.79 -8.84
C THR A 399 -25.90 3.11 -8.11
N ARG A 400 -25.71 3.01 -6.80
CA ARG A 400 -25.55 4.20 -5.97
C ARG A 400 -24.28 4.98 -6.33
N ILE A 401 -23.17 4.27 -6.45
CA ILE A 401 -21.88 4.89 -6.76
C ILE A 401 -21.91 5.48 -8.18
N ALA A 402 -22.40 4.72 -9.14
CA ALA A 402 -22.42 5.17 -10.52
C ALA A 402 -23.29 6.42 -10.69
N ARG A 403 -24.40 6.47 -9.96
CA ARG A 403 -25.31 7.61 -10.07
C ARG A 403 -24.80 8.86 -9.36
N ARG A 404 -23.99 8.67 -8.32
CA ARG A 404 -23.44 9.78 -7.56
C ARG A 404 -22.17 10.35 -8.19
N ILE A 405 -21.54 9.59 -9.09
CA ILE A 405 -20.26 10.01 -9.65
C ILE A 405 -20.32 11.32 -10.46
N PRO A 406 -21.41 11.53 -11.25
CA PRO A 406 -21.48 12.80 -11.98
C PRO A 406 -21.35 14.04 -11.10
N GLN A 407 -22.04 14.07 -9.96
CA GLN A 407 -21.89 15.20 -9.04
C GLN A 407 -20.53 15.19 -8.34
N ALA A 408 -20.06 14.00 -7.96
CA ALA A 408 -18.81 13.89 -7.22
C ALA A 408 -17.64 14.39 -8.05
N ILE A 409 -17.59 14.00 -9.32
CA ILE A 409 -16.48 14.40 -10.16
C ILE A 409 -16.50 15.90 -10.43
N ALA A 410 -17.70 16.48 -10.51
CA ALA A 410 -17.82 17.93 -10.64
C ALA A 410 -17.23 18.62 -9.41
N GLU A 411 -17.49 18.05 -8.25
CA GLU A 411 -17.00 18.58 -6.98
C GLU A 411 -15.49 18.48 -6.89
N VAL A 412 -14.94 17.37 -7.36
CA VAL A 412 -13.50 17.11 -7.32
C VAL A 412 -12.73 18.05 -8.23
N ILE A 413 -13.30 18.35 -9.39
CA ILE A 413 -12.62 19.21 -10.34
C ILE A 413 -12.42 20.61 -9.77
N LEU A 414 -13.29 21.01 -8.85
CA LEU A 414 -13.15 22.29 -8.18
C LEU A 414 -12.00 22.30 -7.18
N MET A 415 -11.49 21.11 -6.85
CA MET A 415 -10.42 20.97 -5.87
C MET A 415 -9.06 21.07 -6.53
N LEU A 416 -9.04 21.14 -7.86
CA LEU A 416 -7.79 21.11 -8.60
C LEU A 416 -7.09 22.45 -8.54
N PRO A 417 -5.75 22.43 -8.61
CA PRO A 417 -5.00 23.68 -8.71
C PRO A 417 -5.08 24.21 -10.13
N PRO A 418 -4.53 25.41 -10.40
CA PRO A 418 -4.50 25.92 -11.77
C PRO A 418 -3.91 24.91 -12.76
N LEU A 419 -4.57 24.73 -13.89
CA LEU A 419 -4.13 23.77 -14.90
C LEU A 419 -3.65 24.48 -16.15
N ASP A 420 -2.68 23.89 -16.85
CA ASP A 420 -2.34 24.36 -18.18
C ASP A 420 -3.25 23.66 -19.19
N GLU A 421 -3.10 24.00 -20.46
CA GLU A 421 -4.01 23.52 -21.50
C GLU A 421 -4.01 22.00 -21.62
N ASP A 422 -2.82 21.41 -21.61
CA ASP A 422 -2.71 19.97 -21.74
C ASP A 422 -3.30 19.26 -20.52
N GLU A 423 -3.18 19.88 -19.36
CA GLU A 423 -3.69 19.31 -18.13
C GLU A 423 -5.22 19.36 -18.13
N ALA A 424 -5.76 20.48 -18.60
CA ALA A 424 -7.21 20.66 -18.66
C ALA A 424 -7.83 19.64 -19.60
N SER A 425 -7.13 19.35 -20.68
CA SER A 425 -7.61 18.40 -21.67
C SER A 425 -7.57 17.00 -21.09
N PHE A 426 -6.54 16.74 -20.27
CA PHE A 426 -6.47 15.44 -19.61
C PHE A 426 -7.66 15.25 -18.71
N VAL A 427 -7.94 16.27 -17.89
CA VAL A 427 -9.04 16.23 -16.95
C VAL A 427 -10.37 16.05 -17.68
N ALA A 428 -10.52 16.72 -18.82
CA ALA A 428 -11.73 16.58 -19.64
C ALA A 428 -11.90 15.15 -20.11
N HIS A 429 -10.81 14.52 -20.54
CA HIS A 429 -10.84 13.17 -21.05
C HIS A 429 -11.11 12.19 -19.90
N TYR A 430 -10.45 12.43 -18.77
CA TYR A 430 -10.68 11.64 -17.57
C TYR A 430 -12.17 11.58 -17.27
N LYS A 431 -12.79 12.75 -17.24
CA LYS A 431 -14.20 12.88 -16.91
C LYS A 431 -15.08 12.17 -17.94
N THR A 432 -14.79 12.39 -19.22
CA THR A 432 -15.53 11.74 -20.29
C THR A 432 -15.53 10.24 -20.11
N GLN A 433 -14.34 9.67 -19.92
CA GLN A 433 -14.19 8.23 -19.80
C GLN A 433 -14.89 7.72 -18.55
N LEU A 434 -14.80 8.49 -17.47
CA LEU A 434 -15.40 8.11 -16.19
C LEU A 434 -16.91 8.04 -16.33
N LEU A 435 -17.50 9.08 -16.88
CA LEU A 435 -18.95 9.12 -17.07
C LEU A 435 -19.40 8.00 -18.01
N ALA A 436 -18.56 7.64 -18.97
CA ALA A 436 -18.92 6.58 -19.91
C ALA A 436 -18.95 5.21 -19.22
N ARG A 437 -18.02 4.98 -18.29
CA ARG A 437 -18.00 3.70 -17.57
C ARG A 437 -19.25 3.59 -16.70
N CYS A 438 -19.61 4.70 -16.06
CA CYS A 438 -20.82 4.75 -15.24
C CYS A 438 -22.05 4.41 -16.06
N GLU A 439 -22.18 5.02 -17.22
CA GLU A 439 -23.34 4.78 -18.07
C GLU A 439 -23.34 3.34 -18.59
N ARG A 440 -22.16 2.79 -18.85
CA ARG A 440 -22.07 1.42 -19.33
C ARG A 440 -22.61 0.45 -18.28
N TYR A 441 -22.16 0.60 -17.05
CA TYR A 441 -22.58 -0.30 -15.98
C TYR A 441 -24.04 -0.11 -15.59
N LEU A 442 -24.50 1.13 -15.61
CA LEU A 442 -25.92 1.39 -15.33
C LEU A 442 -26.78 0.76 -16.41
N GLY A 443 -26.21 0.59 -17.59
CA GLY A 443 -26.93 -0.01 -18.70
C GLY A 443 -27.35 -1.45 -18.49
N PHE A 444 -26.67 -2.16 -17.60
CA PHE A 444 -27.00 -3.58 -17.37
C PHE A 444 -27.06 -4.02 -15.90
N VAL A 445 -26.90 -3.09 -14.97
CA VAL A 445 -26.87 -3.46 -13.55
C VAL A 445 -28.18 -4.17 -13.14
N ASP A 446 -29.31 -3.72 -13.67
CA ASP A 446 -30.59 -4.32 -13.34
C ASP A 446 -30.80 -5.73 -13.96
N GLU A 447 -29.86 -6.17 -14.79
CA GLU A 447 -29.89 -7.55 -15.30
C GLU A 447 -29.34 -8.55 -14.29
N VAL A 448 -28.47 -8.06 -13.40
CA VAL A 448 -27.70 -8.91 -12.51
C VAL A 448 -28.61 -9.85 -11.73
N ARG A 449 -29.71 -9.29 -11.27
CA ARG A 449 -30.72 -10.00 -10.50
C ARG A 449 -31.30 -11.22 -11.23
N ASP A 450 -31.41 -11.11 -12.55
CA ASP A 450 -32.13 -12.10 -13.36
C ASP A 450 -31.20 -13.07 -14.08
N VAL A 451 -29.90 -12.82 -14.01
CA VAL A 451 -28.93 -13.69 -14.65
C VAL A 451 -29.01 -15.10 -14.07
N GLU A 452 -29.03 -16.08 -14.97
CA GLU A 452 -28.85 -17.47 -14.61
C GLU A 452 -27.39 -17.84 -14.81
N VAL A 453 -26.67 -17.93 -13.70
CA VAL A 453 -25.24 -18.19 -13.75
C VAL A 453 -24.97 -19.65 -14.09
MG MG B . 0.40 2.42 -7.73
MG MG C . 0.54 0.35 -4.62
PG ANP D . 2.18 0.12 -6.88
O1G ANP D . 3.43 -0.78 -7.18
O2G ANP D . 1.01 -0.74 -6.51
O3G ANP D . 1.83 1.03 -8.13
PB ANP D . 2.78 2.70 -5.65
O1B ANP D . 4.18 2.97 -6.10
O2B ANP D . 1.81 3.44 -6.60
N3B ANP D . 2.51 1.06 -5.50
PA ANP D . 1.48 3.09 -3.14
O1A ANP D . 0.57 4.31 -3.16
O2A ANP D . 0.79 1.79 -3.30
O3A ANP D . 2.65 3.33 -4.21
O5' ANP D . 2.24 3.04 -1.75
C5' ANP D . 3.27 2.05 -1.53
C4' ANP D . 3.01 1.34 -0.23
O4' ANP D . 2.98 2.30 0.85
C3' ANP D . 1.67 0.61 -0.14
O3' ANP D . 1.79 -0.70 -0.68
C2' ANP D . 1.41 0.60 1.37
O2' ANP D . 2.16 -0.42 2.02
C1' ANP D . 1.96 1.96 1.78
N9 ANP D . 0.98 3.05 1.80
C8 ANP D . 0.51 3.76 0.74
N7 ANP D . -0.34 4.71 1.06
C5 ANP D . -0.40 4.63 2.45
C6 ANP D . -1.11 5.37 3.41
N6 ANP D . -1.94 6.38 3.12
N1 ANP D . -0.94 5.04 4.71
C2 ANP D . -0.12 4.03 5.02
N3 ANP D . 0.61 3.26 4.20
C4 ANP D . 0.42 3.61 2.92
HNB1 ANP D . 3.19 0.68 -5.03
H5'1 ANP D . 4.14 2.48 -1.50
H5'2 ANP D . 3.26 1.40 -2.27
H4' ANP D . 3.72 0.71 -0.03
H3' ANP D . 1.00 1.11 -0.59
HO3' ANP D . 1.00 -1.10 -0.68
H2' ANP D . 0.47 0.55 1.56
HO2' ANP D . 2.98 -0.46 1.68
H1' ANP D . 2.36 1.86 2.66
H8 ANP D . 0.75 3.57 -0.16
HN61 ANP D . -2.51 6.72 3.76
HN62 ANP D . -1.95 6.73 2.28
H2 ANP D . -0.03 3.83 5.96
NA NA E . -3.32 -5.02 -14.33
#